data_3PLR
#
_entry.id   3PLR
#
_cell.length_a   108.095
_cell.length_b   63.553
_cell.length_c   78.567
_cell.angle_alpha   90.00
_cell.angle_beta   114.16
_cell.angle_gamma   90.00
#
_symmetry.space_group_name_H-M   'C 1 2 1'
#
loop_
_entity.id
_entity.type
_entity.pdbx_description
1 polymer 'UDP-glucose 6-dehydrogenase'
2 non-polymer '1,4-DIHYDRONICOTINAMIDE ADENINE DINUCLEOTIDE'
3 non-polymer "URIDINE-5'-MONOPHOSPHATE"
4 water water
#
_entity_poly.entity_id   1
_entity_poly.type   'polypeptide(L)'
_entity_poly.pdbx_seq_one_letter_code
;MGSSHHHHHHSSGLVPRGSHMASMTGGQQMGRGSEFMKITISGTGYVGLSNGVLIAQNHEVVALDIVQAKVDMLNQKISP
IVDKEIQEYLAEKPLNFRATTDKHDAYRNADYVIIATPTDYDPKTNYFNTSTVEAVIRDVTEINPNAVMIIKSTIPVGFT
RDIKERLGIDNVIFSPEFLREGRALYDNLHPSRIVIGERSARAERFADLLKEGAIKQDIPTLFTDSTEAEAIKLFANTYL
ALRVAYFNELDSYAESQGLNSKQIIEGVCLDPRIGNHYNNPSFGYGGYCLPKDTKQLLANYESVPNNIIAAIVDANRTRK
DFIADSILARKPKVVGVYRLIMKSGSDNFRASSIQGIMKRIKAKGIPVIIYEPVMQEDEFFNSRVVRDLNAFKQEADVII
SNRMAEELADVADKVYTRDLFGND
;
_entity_poly.pdbx_strand_id   A
#
# COMPACT_ATOMS: atom_id res chain seq x y z
N GLU A 35 31.87 -9.75 -5.61
CA GLU A 35 31.50 -8.47 -6.26
C GLU A 35 31.31 -7.50 -5.07
N PHE A 36 31.58 -6.23 -5.34
CA PHE A 36 31.30 -5.19 -4.37
C PHE A 36 30.90 -4.08 -5.35
N MET A 37 29.60 -3.84 -5.45
CA MET A 37 29.08 -2.88 -6.42
C MET A 37 28.69 -1.55 -5.84
N LYS A 38 28.33 -0.59 -6.72
CA LYS A 38 27.84 0.69 -6.22
C LYS A 38 26.37 0.70 -6.69
N ILE A 39 25.47 0.91 -5.74
CA ILE A 39 24.04 0.96 -6.07
C ILE A 39 23.53 2.31 -5.59
N THR A 40 22.90 3.07 -6.48
CA THR A 40 22.39 4.35 -6.11
C THR A 40 20.90 4.22 -5.91
N ILE A 41 20.39 4.89 -4.90
CA ILE A 41 18.95 4.91 -4.66
C ILE A 41 18.44 6.31 -5.06
N SER A 42 17.40 6.42 -5.91
CA SER A 42 16.87 7.72 -6.19
C SER A 42 15.54 7.83 -5.45
N GLY A 43 15.49 8.64 -4.37
CA GLY A 43 14.29 8.83 -3.58
C GLY A 43 14.51 8.13 -2.26
N THR A 44 14.66 8.89 -1.19
CA THR A 44 14.91 8.31 0.11
C THR A 44 13.69 8.27 1.03
N GLY A 45 12.65 7.62 0.54
CA GLY A 45 11.42 7.43 1.32
C GLY A 45 11.40 5.98 1.83
N TYR A 46 10.24 5.43 2.14
CA TYR A 46 10.15 4.06 2.64
C TYR A 46 10.77 3.05 1.70
N VAL A 47 10.46 3.18 0.41
CA VAL A 47 10.93 2.20 -0.54
C VAL A 47 12.42 2.34 -0.80
N GLY A 48 12.86 3.56 -1.09
CA GLY A 48 14.28 3.76 -1.34
C GLY A 48 15.14 3.40 -0.16
N LEU A 49 14.76 3.84 1.03
CA LEU A 49 15.58 3.52 2.18
C LEU A 49 15.54 2.03 2.57
N SER A 50 14.39 1.37 2.40
CA SER A 50 14.34 -0.06 2.71
C SER A 50 15.35 -0.80 1.82
N ASN A 51 15.29 -0.53 0.52
CA ASN A 51 16.20 -1.21 -0.40
C ASN A 51 17.64 -0.78 -0.18
N GLY A 52 17.83 0.51 0.07
CA GLY A 52 19.21 1.04 0.22
C GLY A 52 19.91 0.53 1.47
N VAL A 53 19.22 0.55 2.61
CA VAL A 53 19.83 0.06 3.85
C VAL A 53 20.09 -1.43 3.72
N LEU A 54 19.15 -2.18 3.12
CA LEU A 54 19.35 -3.60 2.92
C LEU A 54 20.65 -3.91 2.15
N ILE A 55 20.83 -3.19 1.06
CA ILE A 55 21.95 -3.44 0.17
C ILE A 55 23.28 -2.85 0.74
N ALA A 56 23.18 -1.81 1.57
CA ALA A 56 24.36 -1.13 2.13
C ALA A 56 25.06 -2.07 3.13
N GLN A 57 24.43 -3.19 3.48
CA GLN A 57 25.08 -4.11 4.40
C GLN A 57 26.24 -4.81 3.67
N ASN A 58 26.17 -4.94 2.35
CA ASN A 58 27.21 -5.64 1.60
C ASN A 58 27.83 -4.91 0.40
N HIS A 59 27.28 -3.77 0.04
CA HIS A 59 27.77 -3.02 -1.13
C HIS A 59 27.83 -1.56 -0.82
N GLU A 60 28.27 -0.75 -1.79
CA GLU A 60 28.37 0.69 -1.61
C GLU A 60 27.04 1.32 -2.07
N VAL A 61 26.32 1.95 -1.16
CA VAL A 61 25.07 2.60 -1.53
C VAL A 61 25.16 4.12 -1.33
N VAL A 62 24.68 4.85 -2.34
CA VAL A 62 24.66 6.30 -2.28
C VAL A 62 23.20 6.63 -2.51
N ALA A 63 22.59 7.34 -1.54
CA ALA A 63 21.17 7.68 -1.60
C ALA A 63 20.98 9.11 -2.03
N LEU A 64 20.23 9.31 -3.11
CA LEU A 64 19.97 10.63 -3.66
C LEU A 64 18.58 11.15 -3.35
N ASP A 65 18.45 12.36 -2.81
CA ASP A 65 17.11 12.92 -2.67
C ASP A 65 17.15 14.36 -3.19
N ILE A 66 16.00 14.97 -3.35
CA ILE A 66 15.99 16.35 -3.82
C ILE A 66 15.89 17.28 -2.63
N VAL A 67 15.52 16.73 -1.48
CA VAL A 67 15.40 17.52 -0.25
C VAL A 67 16.73 17.49 0.55
N GLN A 68 17.44 18.60 0.52
CA GLN A 68 18.72 18.66 1.20
C GLN A 68 18.67 18.28 2.67
N ALA A 69 17.60 18.66 3.36
CA ALA A 69 17.53 18.36 4.77
C ALA A 69 17.39 16.88 5.05
N LYS A 70 16.76 16.12 4.15
CA LYS A 70 16.63 14.69 4.34
C LYS A 70 18.04 14.08 4.15
N VAL A 71 18.75 14.57 3.16
CA VAL A 71 20.13 14.09 2.89
C VAL A 71 21.04 14.38 4.11
N ASP A 72 20.96 15.61 4.64
CA ASP A 72 21.77 15.97 5.78
C ASP A 72 21.47 15.06 6.96
N MET A 73 20.19 14.79 7.20
CA MET A 73 19.80 13.89 8.29
C MET A 73 20.42 12.50 8.12
N LEU A 74 20.30 11.97 6.90
CA LEU A 74 20.83 10.66 6.60
C LEU A 74 22.32 10.61 6.83
N ASN A 75 23.02 11.67 6.47
CA ASN A 75 24.46 11.67 6.68
C ASN A 75 24.85 11.74 8.17
N GLN A 76 23.88 12.09 9.01
CA GLN A 76 24.09 12.09 10.46
C GLN A 76 23.55 10.77 11.03
N LYS A 77 23.15 9.85 10.14
CA LYS A 77 22.60 8.56 10.51
C LYS A 77 21.25 8.64 11.24
N ILE A 78 20.49 9.66 10.84
CA ILE A 78 19.15 9.90 11.34
C ILE A 78 18.19 9.59 10.19
N SER A 79 17.20 8.75 10.41
CA SER A 79 16.22 8.44 9.38
C SER A 79 15.15 9.51 9.22
N PRO A 80 14.85 9.91 7.97
CA PRO A 80 13.80 10.93 7.81
C PRO A 80 12.37 10.32 7.83
N ILE A 81 12.26 9.02 8.03
CA ILE A 81 10.95 8.36 8.08
C ILE A 81 10.83 7.52 9.32
N VAL A 82 9.59 7.08 9.60
CA VAL A 82 9.31 6.25 10.78
C VAL A 82 9.35 4.78 10.39
N ASP A 83 10.41 4.11 10.82
CA ASP A 83 10.63 2.68 10.57
C ASP A 83 11.71 2.28 11.55
N LYS A 84 11.31 1.42 12.47
CA LYS A 84 12.18 0.99 13.53
C LYS A 84 13.47 0.37 13.05
N GLU A 85 13.35 -0.62 12.20
CA GLU A 85 14.53 -1.28 11.70
C GLU A 85 15.44 -0.35 10.90
N ILE A 86 14.87 0.56 10.10
CA ILE A 86 15.75 1.46 9.32
C ILE A 86 16.55 2.33 10.27
N GLN A 87 15.89 2.91 11.27
CA GLN A 87 16.62 3.75 12.21
C GLN A 87 17.64 2.95 13.00
N GLU A 88 17.27 1.74 13.41
CA GLU A 88 18.19 0.89 14.13
C GLU A 88 19.41 0.54 13.26
N TYR A 89 19.17 0.14 12.01
CA TYR A 89 20.28 -0.23 11.13
C TYR A 89 21.15 0.96 10.82
N LEU A 90 20.55 2.09 10.45
CA LEU A 90 21.31 3.30 10.14
C LEU A 90 22.23 3.73 11.25
N ALA A 91 21.72 3.62 12.46
CA ALA A 91 22.46 4.08 13.64
C ALA A 91 23.44 3.08 14.24
N GLU A 92 23.10 1.82 14.15
CA GLU A 92 23.89 0.78 14.78
C GLU A 92 24.65 -0.24 13.96
N LYS A 93 24.39 -0.39 12.67
CA LYS A 93 25.12 -1.40 11.90
C LYS A 93 26.11 -0.70 10.97
N PRO A 94 27.17 -1.39 10.63
CA PRO A 94 28.17 -0.79 9.73
C PRO A 94 27.68 -0.89 8.28
N LEU A 95 27.09 0.18 7.79
CA LEU A 95 26.58 0.17 6.42
C LEU A 95 27.45 1.06 5.60
N ASN A 96 27.67 0.65 4.35
CA ASN A 96 28.47 1.50 3.45
C ASN A 96 27.35 2.30 2.76
N PHE A 97 26.94 3.36 3.44
CA PHE A 97 25.81 4.18 3.05
C PHE A 97 26.09 5.65 3.25
N ARG A 98 25.72 6.49 2.28
CA ARG A 98 25.85 7.93 2.43
C ARG A 98 24.78 8.54 1.53
N ALA A 99 24.46 9.81 1.75
CA ALA A 99 23.44 10.47 0.93
C ALA A 99 23.95 11.73 0.28
N THR A 100 23.28 12.17 -0.78
CA THR A 100 23.68 13.41 -1.46
C THR A 100 22.50 13.97 -2.25
N THR A 101 22.57 15.27 -2.55
CA THR A 101 21.59 15.88 -3.47
C THR A 101 22.28 16.08 -4.82
N ASP A 102 23.56 15.70 -4.91
CA ASP A 102 24.35 15.86 -6.16
C ASP A 102 24.17 14.65 -7.10
N LYS A 103 23.42 14.85 -8.20
CA LYS A 103 23.15 13.76 -9.15
C LYS A 103 24.37 13.18 -9.74
N HIS A 104 25.38 14.01 -10.00
CA HIS A 104 26.56 13.46 -10.61
C HIS A 104 27.33 12.55 -9.67
N ASP A 105 27.44 13.00 -8.43
CA ASP A 105 28.14 12.23 -7.38
C ASP A 105 27.32 10.94 -7.20
N ALA A 106 26.01 11.06 -7.14
CA ALA A 106 25.21 9.85 -6.95
C ALA A 106 25.31 8.82 -8.05
N TYR A 107 25.16 9.24 -9.30
CA TYR A 107 25.10 8.27 -10.38
C TYR A 107 26.38 7.80 -10.99
N ARG A 108 27.45 8.60 -10.88
CA ARG A 108 28.68 8.16 -11.51
C ARG A 108 29.16 6.83 -10.94
N ASN A 109 29.56 5.95 -11.85
CA ASN A 109 30.09 4.63 -11.55
C ASN A 109 29.06 3.70 -10.92
N ALA A 110 27.80 4.08 -10.89
CA ALA A 110 26.80 3.13 -10.32
C ALA A 110 26.58 1.95 -11.21
N ASP A 111 26.52 0.78 -10.60
CA ASP A 111 26.22 -0.41 -11.38
C ASP A 111 24.69 -0.49 -11.56
N TYR A 112 23.97 -0.17 -10.51
CA TYR A 112 22.47 -0.14 -10.58
C TYR A 112 21.98 1.12 -9.93
N VAL A 113 20.82 1.63 -10.39
CA VAL A 113 20.20 2.79 -9.78
C VAL A 113 18.76 2.30 -9.47
N ILE A 114 18.33 2.34 -8.21
CA ILE A 114 16.99 1.86 -7.88
C ILE A 114 16.15 3.13 -7.85
N ILE A 115 15.09 3.17 -8.65
CA ILE A 115 14.24 4.37 -8.69
C ILE A 115 13.07 4.14 -7.75
N ALA A 116 12.94 5.04 -6.78
CA ALA A 116 11.93 4.89 -5.73
C ALA A 116 11.32 6.23 -5.42
N THR A 117 11.07 7.01 -6.49
CA THR A 117 10.46 8.34 -6.37
C THR A 117 8.92 8.24 -6.37
N PRO A 118 8.23 9.27 -5.91
CA PRO A 118 6.76 9.24 -5.83
C PRO A 118 6.04 9.15 -7.17
N THR A 119 4.93 8.42 -7.20
CA THR A 119 4.12 8.37 -8.41
C THR A 119 2.70 8.31 -7.87
N ASP A 120 1.72 8.54 -8.74
CA ASP A 120 0.34 8.53 -8.28
C ASP A 120 -0.62 8.19 -9.38
N TYR A 121 -1.57 7.29 -9.10
CA TYR A 121 -2.57 6.98 -10.09
C TYR A 121 -3.87 7.60 -9.62
N ASP A 122 -4.53 8.36 -10.50
CA ASP A 122 -5.84 8.98 -10.16
C ASP A 122 -6.95 8.21 -10.89
N PRO A 123 -7.76 7.41 -10.15
CA PRO A 123 -8.81 6.67 -10.85
C PRO A 123 -9.86 7.50 -11.58
N LYS A 124 -10.14 8.71 -11.10
CA LYS A 124 -11.17 9.51 -11.75
C LYS A 124 -10.81 9.83 -13.18
N THR A 125 -9.53 10.07 -13.42
CA THR A 125 -9.11 10.40 -14.77
C THR A 125 -8.30 9.32 -15.46
N ASN A 126 -8.01 8.24 -14.74
CA ASN A 126 -7.19 7.17 -15.29
C ASN A 126 -5.82 7.73 -15.69
N TYR A 127 -5.32 8.67 -14.91
CA TYR A 127 -4.01 9.29 -15.17
C TYR A 127 -2.96 8.76 -14.20
N PHE A 128 -1.83 8.22 -14.72
CA PHE A 128 -0.79 7.74 -13.80
C PHE A 128 0.41 8.71 -13.91
N ASN A 129 0.65 9.48 -12.86
CA ASN A 129 1.72 10.49 -12.89
C ASN A 129 3.03 9.77 -12.62
N THR A 130 3.87 9.65 -13.65
CA THR A 130 5.16 8.96 -13.51
C THR A 130 6.29 9.98 -13.78
N SER A 131 5.97 11.26 -13.64
CA SER A 131 6.95 12.29 -13.96
C SER A 131 8.27 12.13 -13.17
N THR A 132 8.23 11.73 -11.92
CA THR A 132 9.50 11.67 -11.19
C THR A 132 10.34 10.51 -11.72
N VAL A 133 9.69 9.42 -12.08
CA VAL A 133 10.43 8.27 -12.60
C VAL A 133 11.04 8.63 -13.97
N GLU A 134 10.28 9.30 -14.83
CA GLU A 134 10.79 9.68 -16.14
C GLU A 134 11.95 10.69 -15.99
N ALA A 135 11.89 11.55 -14.99
CA ALA A 135 12.99 12.56 -14.77
C ALA A 135 14.23 11.82 -14.34
N VAL A 136 14.06 10.83 -13.47
CA VAL A 136 15.26 10.07 -13.06
C VAL A 136 15.81 9.32 -14.26
N ILE A 137 14.96 8.66 -15.07
CA ILE A 137 15.48 7.93 -16.23
C ILE A 137 16.23 8.92 -17.13
N ARG A 138 15.66 10.09 -17.29
CA ARG A 138 16.36 11.14 -18.09
C ARG A 138 17.76 11.44 -17.50
N ASP A 139 17.81 11.68 -16.19
CA ASP A 139 19.06 12.04 -15.54
C ASP A 139 20.10 10.94 -15.60
N VAL A 140 19.69 9.70 -15.35
CA VAL A 140 20.64 8.61 -15.38
C VAL A 140 21.16 8.36 -16.78
N THR A 141 20.26 8.41 -17.76
CA THR A 141 20.63 8.19 -19.15
C THR A 141 21.68 9.21 -19.54
N GLU A 142 21.52 10.45 -19.08
CA GLU A 142 22.48 11.50 -19.45
C GLU A 142 23.81 11.37 -18.71
N ILE A 143 23.73 11.13 -17.40
CA ILE A 143 24.92 11.10 -16.54
C ILE A 143 25.71 9.80 -16.57
N ASN A 144 25.00 8.67 -16.57
CA ASN A 144 25.64 7.38 -16.58
C ASN A 144 24.79 6.40 -17.38
N PRO A 145 24.95 6.43 -18.70
CA PRO A 145 24.19 5.55 -19.58
C PRO A 145 24.50 4.06 -19.43
N ASN A 146 25.55 3.72 -18.66
CA ASN A 146 25.86 2.32 -18.43
C ASN A 146 25.20 1.74 -17.17
N ALA A 147 24.67 2.60 -16.28
CA ALA A 147 23.98 2.13 -15.08
C ALA A 147 22.71 1.37 -15.48
N VAL A 148 22.35 0.34 -14.72
CA VAL A 148 21.11 -0.41 -15.01
C VAL A 148 20.06 0.10 -13.98
N MET A 149 18.97 0.70 -14.47
CA MET A 149 17.98 1.22 -13.55
C MET A 149 16.99 0.11 -13.21
N ILE A 150 16.67 0.05 -11.92
CA ILE A 150 15.66 -0.90 -11.43
C ILE A 150 14.53 -0.04 -10.89
N ILE A 151 13.33 -0.12 -11.49
CA ILE A 151 12.25 0.70 -10.95
C ILE A 151 11.48 -0.06 -9.86
N LYS A 152 11.44 0.51 -8.65
CA LYS A 152 10.66 -0.07 -7.55
C LYS A 152 9.37 0.73 -7.35
N SER A 153 9.37 1.98 -7.83
CA SER A 153 8.16 2.85 -7.78
C SER A 153 7.02 2.11 -8.50
N THR A 154 5.78 2.44 -8.15
CA THR A 154 4.63 1.85 -8.87
C THR A 154 4.48 2.66 -10.21
N ILE A 155 4.31 1.88 -11.28
CA ILE A 155 4.16 2.41 -12.62
C ILE A 155 3.06 1.69 -13.33
N PRO A 156 2.53 2.29 -14.39
CA PRO A 156 1.43 1.62 -15.10
C PRO A 156 1.87 0.42 -15.89
N VAL A 157 0.95 -0.51 -16.10
CA VAL A 157 1.31 -1.71 -16.83
C VAL A 157 1.73 -1.35 -18.25
N GLY A 158 2.96 -1.75 -18.62
CA GLY A 158 3.48 -1.51 -19.96
C GLY A 158 4.47 -0.35 -19.94
N PHE A 159 4.62 0.29 -18.79
CA PHE A 159 5.50 1.48 -18.67
C PHE A 159 6.92 1.26 -19.14
N THR A 160 7.52 0.18 -18.68
CA THR A 160 8.96 -0.02 -18.94
C THR A 160 9.24 -0.34 -20.39
N ARG A 161 8.46 -1.28 -20.95
CA ARG A 161 8.63 -1.60 -22.36
C ARG A 161 8.49 -0.33 -23.20
N ASP A 162 7.49 0.48 -22.86
CA ASP A 162 7.27 1.70 -23.65
C ASP A 162 8.36 2.75 -23.49
N ILE A 163 8.86 2.91 -22.26
CA ILE A 163 9.82 4.01 -22.06
C ILE A 163 11.14 3.63 -22.73
N LYS A 164 11.47 2.35 -22.73
CA LYS A 164 12.71 1.89 -23.38
C LYS A 164 12.61 2.16 -24.87
N GLU A 165 11.45 1.86 -25.43
CA GLU A 165 11.21 2.02 -26.85
C GLU A 165 11.25 3.52 -27.22
N ARG A 166 10.63 4.33 -26.38
CA ARG A 166 10.53 5.79 -26.62
C ARG A 166 11.90 6.48 -26.60
N LEU A 167 12.70 6.21 -25.58
CA LEU A 167 13.99 6.86 -25.46
C LEU A 167 15.08 6.12 -26.22
N GLY A 168 14.74 4.92 -26.73
CA GLY A 168 15.72 4.09 -27.42
C GLY A 168 16.84 3.60 -26.48
N ILE A 169 16.48 3.24 -25.26
CA ILE A 169 17.48 2.76 -24.28
C ILE A 169 17.09 1.35 -23.85
N ASP A 170 18.04 0.63 -23.25
CA ASP A 170 17.76 -0.74 -22.82
C ASP A 170 17.93 -0.92 -21.34
N ASN A 171 18.45 0.07 -20.67
CA ASN A 171 18.84 -0.13 -19.28
C ASN A 171 17.85 0.21 -18.22
N VAL A 172 16.65 -0.35 -18.36
CA VAL A 172 15.61 -0.08 -17.36
C VAL A 172 14.89 -1.41 -17.17
N ILE A 173 14.68 -1.78 -15.90
CA ILE A 173 14.03 -3.01 -15.54
C ILE A 173 13.08 -2.68 -14.40
N PHE A 174 11.86 -3.22 -14.40
CA PHE A 174 10.93 -3.01 -13.32
C PHE A 174 11.02 -4.22 -12.35
N SER A 175 10.95 -3.97 -11.05
CA SER A 175 10.92 -5.07 -10.04
C SER A 175 9.92 -4.62 -9.00
N PRO A 176 8.82 -5.37 -8.84
CA PRO A 176 7.84 -4.90 -7.86
C PRO A 176 8.33 -4.88 -6.46
N GLU A 177 7.81 -3.89 -5.73
CA GLU A 177 8.12 -3.73 -4.32
C GLU A 177 6.91 -4.21 -3.51
N PHE A 178 7.14 -5.19 -2.62
CA PHE A 178 6.04 -5.75 -1.85
C PHE A 178 5.98 -5.27 -0.39
N LEU A 179 6.83 -4.33 0.02
CA LEU A 179 6.79 -3.90 1.44
C LEU A 179 5.54 -3.12 1.88
N ARG A 180 5.38 -3.06 3.21
CA ARG A 180 4.30 -2.32 3.87
C ARG A 180 4.93 -1.20 4.65
N GLU A 181 4.35 0.01 4.60
CA GLU A 181 4.88 1.11 5.41
C GLU A 181 4.86 0.69 6.89
N GLY A 182 5.89 1.09 7.64
CA GLY A 182 5.93 0.71 9.04
C GLY A 182 6.76 -0.56 9.23
N ARG A 183 6.87 -1.38 8.19
CA ARG A 183 7.68 -2.59 8.23
C ARG A 183 8.46 -2.56 6.92
N ALA A 184 8.87 -1.37 6.49
CA ALA A 184 9.52 -1.25 5.18
C ALA A 184 10.78 -2.05 5.08
N LEU A 185 11.72 -1.84 6.01
CA LEU A 185 12.96 -2.62 5.96
C LEU A 185 12.69 -4.07 6.33
N TYR A 186 11.90 -4.31 7.37
CA TYR A 186 11.55 -5.66 7.74
C TYR A 186 11.02 -6.53 6.58
N ASP A 187 10.15 -5.98 5.72
CA ASP A 187 9.61 -6.77 4.62
C ASP A 187 10.64 -7.11 3.55
N ASN A 188 11.74 -6.36 3.48
CA ASN A 188 12.79 -6.70 2.51
C ASN A 188 13.87 -7.56 3.20
N LEU A 189 13.88 -7.55 4.54
CA LEU A 189 14.75 -8.52 5.22
C LEU A 189 14.06 -9.92 5.18
N HIS A 190 12.73 -9.96 5.10
CA HIS A 190 11.93 -11.19 5.09
C HIS A 190 10.85 -11.10 3.98
N PRO A 191 11.28 -11.05 2.72
CA PRO A 191 10.30 -10.92 1.65
C PRO A 191 9.56 -12.18 1.24
N SER A 192 8.30 -12.00 0.84
CA SER A 192 7.47 -13.08 0.36
C SER A 192 8.17 -13.74 -0.85
N ARG A 193 8.62 -12.88 -1.76
CA ARG A 193 9.37 -13.36 -2.95
C ARG A 193 10.06 -12.15 -3.57
N ILE A 194 10.94 -12.43 -4.53
CA ILE A 194 11.67 -11.38 -5.28
C ILE A 194 11.27 -11.63 -6.73
N VAL A 195 10.81 -10.59 -7.42
CA VAL A 195 10.45 -10.76 -8.83
C VAL A 195 11.21 -9.66 -9.59
N ILE A 196 11.95 -10.03 -10.62
CA ILE A 196 12.66 -9.04 -11.44
C ILE A 196 12.09 -9.19 -12.87
N GLY A 197 11.62 -8.08 -13.43
CA GLY A 197 10.99 -8.08 -14.75
C GLY A 197 11.91 -8.12 -15.96
N GLU A 198 12.98 -8.91 -15.85
CA GLU A 198 13.86 -9.16 -17.00
C GLU A 198 14.49 -10.50 -16.77
N ARG A 199 14.65 -11.27 -17.85
CA ARG A 199 15.26 -12.60 -17.79
C ARG A 199 16.66 -12.42 -18.37
N SER A 200 17.63 -12.24 -17.47
CA SER A 200 19.01 -11.98 -17.88
C SER A 200 19.95 -12.14 -16.75
N ALA A 201 21.26 -12.22 -17.03
CA ALA A 201 22.19 -12.33 -15.94
C ALA A 201 22.21 -11.04 -15.10
N ARG A 202 22.06 -9.87 -15.73
CA ARG A 202 22.10 -8.66 -14.92
C ARG A 202 20.86 -8.56 -14.01
N ALA A 203 19.75 -9.12 -14.45
CA ALA A 203 18.55 -9.12 -13.57
C ALA A 203 18.83 -10.07 -12.40
N GLU A 204 19.42 -11.24 -12.70
CA GLU A 204 19.73 -12.19 -11.65
C GLU A 204 20.72 -11.64 -10.62
N ARG A 205 21.68 -10.84 -11.06
CA ARG A 205 22.66 -10.29 -10.13
C ARG A 205 21.95 -9.28 -9.22
N PHE A 206 20.92 -8.62 -9.75
CA PHE A 206 20.20 -7.70 -8.90
C PHE A 206 19.39 -8.52 -7.87
N ALA A 207 18.73 -9.59 -8.30
CA ALA A 207 17.99 -10.43 -7.36
C ALA A 207 18.96 -10.91 -6.26
N ASP A 208 20.18 -11.28 -6.65
CA ASP A 208 21.19 -11.73 -5.64
C ASP A 208 21.48 -10.67 -4.58
N LEU A 209 21.49 -9.38 -4.98
CA LEU A 209 21.73 -8.32 -4.01
C LEU A 209 20.62 -8.32 -2.95
N LEU A 210 19.37 -8.49 -3.41
CA LEU A 210 18.23 -8.54 -2.48
C LEU A 210 18.30 -9.76 -1.56
N LYS A 211 18.73 -10.90 -2.10
CA LYS A 211 18.83 -12.11 -1.28
C LYS A 211 19.99 -12.03 -0.28
N GLU A 212 21.09 -11.39 -0.71
CA GLU A 212 22.26 -11.30 0.12
C GLU A 212 22.03 -10.46 1.38
N GLY A 213 21.22 -9.42 1.27
CA GLY A 213 20.98 -8.55 2.41
C GLY A 213 19.87 -9.07 3.34
N ALA A 214 19.04 -9.96 2.80
CA ALA A 214 17.91 -10.50 3.58
C ALA A 214 18.34 -11.43 4.69
N ILE A 215 17.48 -11.54 5.69
CA ILE A 215 17.65 -12.46 6.84
C ILE A 215 17.02 -13.79 6.43
N LYS A 216 15.79 -13.72 5.89
CA LYS A 216 15.10 -14.91 5.37
C LYS A 216 15.97 -15.59 4.31
N GLN A 217 16.07 -16.92 4.33
CA GLN A 217 16.86 -17.66 3.35
C GLN A 217 15.99 -18.37 2.31
N ASP A 218 16.58 -18.81 1.21
CA ASP A 218 15.87 -19.50 0.14
C ASP A 218 14.57 -18.78 -0.25
N ILE A 219 14.73 -17.49 -0.51
CA ILE A 219 13.59 -16.67 -0.94
C ILE A 219 13.17 -17.03 -2.35
N PRO A 220 11.86 -17.28 -2.60
CA PRO A 220 11.36 -17.63 -3.93
C PRO A 220 11.73 -16.48 -4.87
N THR A 221 12.33 -16.80 -6.02
CA THR A 221 12.80 -15.77 -6.95
C THR A 221 12.24 -16.06 -8.32
N LEU A 222 11.67 -15.04 -8.96
CA LEU A 222 11.02 -15.26 -10.22
C LEU A 222 11.46 -14.19 -11.23
N PHE A 223 11.84 -14.65 -12.42
CA PHE A 223 12.27 -13.72 -13.46
C PHE A 223 11.22 -13.76 -14.56
N THR A 224 10.71 -12.60 -14.95
CA THR A 224 9.66 -12.53 -15.96
C THR A 224 10.05 -11.47 -16.97
N ASP A 225 9.20 -11.36 -18.00
CA ASP A 225 9.39 -10.25 -18.91
C ASP A 225 8.76 -9.01 -18.29
N SER A 226 9.00 -7.84 -18.89
CA SER A 226 8.66 -6.57 -18.29
C SER A 226 7.22 -6.28 -17.93
N THR A 227 6.36 -6.35 -18.94
CA THR A 227 4.95 -5.98 -18.75
C THR A 227 4.26 -6.94 -17.76
N GLU A 228 4.64 -8.20 -17.86
CA GLU A 228 4.12 -9.22 -16.90
C GLU A 228 4.47 -8.82 -15.48
N ALA A 229 5.73 -8.46 -15.21
CA ALA A 229 6.10 -8.08 -13.84
C ALA A 229 5.29 -6.89 -13.35
N GLU A 230 5.07 -5.92 -14.23
CA GLU A 230 4.32 -4.73 -13.89
C GLU A 230 2.87 -4.99 -13.56
N ALA A 231 2.33 -6.14 -13.95
CA ALA A 231 0.90 -6.41 -13.68
C ALA A 231 0.73 -7.21 -12.38
N ILE A 232 1.81 -7.70 -11.83
CA ILE A 232 1.66 -8.60 -10.65
C ILE A 232 0.96 -7.99 -9.47
N LYS A 233 1.41 -6.81 -9.01
CA LYS A 233 0.77 -6.27 -7.84
C LYS A 233 -0.68 -5.91 -8.08
N LEU A 234 -1.03 -5.42 -9.26
CA LEU A 234 -2.43 -5.11 -9.51
C LEU A 234 -3.28 -6.37 -9.36
N PHE A 235 -2.85 -7.48 -9.96
CA PHE A 235 -3.64 -8.72 -9.86
C PHE A 235 -3.60 -9.27 -8.45
N ALA A 236 -2.50 -9.11 -7.73
CA ALA A 236 -2.47 -9.66 -6.37
C ALA A 236 -3.35 -8.81 -5.46
N ASN A 237 -3.21 -7.49 -5.54
CA ASN A 237 -4.03 -6.64 -4.68
C ASN A 237 -5.51 -6.73 -5.03
N THR A 238 -5.82 -6.92 -6.29
CA THR A 238 -7.23 -7.02 -6.67
C THR A 238 -7.78 -8.36 -6.15
N TYR A 239 -6.97 -9.41 -6.13
CA TYR A 239 -7.47 -10.66 -5.56
C TYR A 239 -7.75 -10.41 -4.08
N LEU A 240 -6.89 -9.70 -3.36
CA LEU A 240 -7.18 -9.45 -1.96
C LEU A 240 -8.45 -8.64 -1.77
N ALA A 241 -8.69 -7.66 -2.64
CA ALA A 241 -9.92 -6.89 -2.52
C ALA A 241 -11.12 -7.79 -2.84
N LEU A 242 -10.95 -8.69 -3.81
CA LEU A 242 -12.01 -9.61 -4.17
C LEU A 242 -12.33 -10.50 -2.99
N ARG A 243 -11.29 -10.94 -2.30
CA ARG A 243 -11.48 -11.86 -1.17
C ARG A 243 -12.27 -11.11 -0.07
N VAL A 244 -11.84 -9.90 0.25
CA VAL A 244 -12.57 -9.10 1.25
C VAL A 244 -14.00 -8.83 0.81
N ALA A 245 -14.19 -8.50 -0.46
CA ALA A 245 -15.55 -8.19 -0.97
C ALA A 245 -16.41 -9.47 -0.88
N TYR A 246 -15.81 -10.62 -1.10
CA TYR A 246 -16.59 -11.86 -1.05
C TYR A 246 -17.04 -12.15 0.39
N PHE A 247 -16.10 -12.14 1.32
CA PHE A 247 -16.51 -12.38 2.71
C PHE A 247 -17.46 -11.30 3.19
N ASN A 248 -17.35 -10.08 2.64
CA ASN A 248 -18.32 -9.05 3.02
C ASN A 248 -19.70 -9.38 2.44
N GLU A 249 -19.78 -9.97 1.23
CA GLU A 249 -21.10 -10.33 0.73
C GLU A 249 -21.66 -11.50 1.52
N LEU A 250 -20.79 -12.40 1.94
CA LEU A 250 -21.26 -13.50 2.78
C LEU A 250 -21.86 -12.86 4.08
N ASP A 251 -21.17 -11.83 4.61
CA ASP A 251 -21.64 -11.15 5.82
C ASP A 251 -22.96 -10.40 5.61
N SER A 252 -23.15 -9.77 4.45
CA SER A 252 -24.40 -9.09 4.11
C SER A 252 -25.54 -10.13 4.15
N TYR A 253 -25.32 -11.27 3.52
CA TYR A 253 -26.27 -12.35 3.53
C TYR A 253 -26.56 -12.81 4.97
N ALA A 254 -25.51 -13.05 5.78
CA ALA A 254 -25.70 -13.51 7.16
C ALA A 254 -26.54 -12.50 7.97
N GLU A 255 -26.23 -11.22 7.82
CA GLU A 255 -27.00 -10.19 8.56
C GLU A 255 -28.46 -10.18 8.09
N SER A 256 -28.65 -10.20 6.79
CA SER A 256 -29.96 -10.18 6.19
C SER A 256 -30.83 -11.35 6.63
N GLN A 257 -30.20 -12.49 6.81
CA GLN A 257 -30.88 -13.74 7.15
C GLN A 257 -30.92 -14.10 8.60
N GLY A 258 -30.37 -13.23 9.44
CA GLY A 258 -30.32 -13.47 10.89
C GLY A 258 -29.44 -14.62 11.30
N LEU A 259 -28.35 -14.82 10.55
CA LEU A 259 -27.43 -15.91 10.82
C LEU A 259 -26.14 -15.39 11.46
N ASN A 260 -25.42 -16.31 12.09
CA ASN A 260 -24.15 -16.03 12.74
C ASN A 260 -23.05 -16.13 11.68
N SER A 261 -22.57 -14.96 11.29
CA SER A 261 -21.54 -14.89 10.27
C SER A 261 -20.24 -15.64 10.66
N LYS A 262 -19.86 -15.57 11.92
CA LYS A 262 -18.64 -16.22 12.35
C LYS A 262 -18.70 -17.75 12.18
N GLN A 263 -19.85 -18.31 12.47
CA GLN A 263 -20.01 -19.75 12.33
C GLN A 263 -19.78 -20.14 10.89
N ILE A 264 -20.40 -19.38 10.00
CA ILE A 264 -20.27 -19.74 8.55
C ILE A 264 -18.82 -19.52 8.09
N ILE A 265 -18.27 -18.35 8.40
CA ILE A 265 -16.92 -18.07 7.94
C ILE A 265 -15.89 -19.03 8.48
N GLU A 266 -15.99 -19.36 9.75
CA GLU A 266 -15.02 -20.32 10.28
C GLU A 266 -15.16 -21.69 9.59
N GLY A 267 -16.39 -22.12 9.32
CA GLY A 267 -16.60 -23.41 8.67
C GLY A 267 -16.03 -23.46 7.28
N VAL A 268 -16.27 -22.38 6.54
CA VAL A 268 -15.76 -22.22 5.18
C VAL A 268 -14.22 -22.18 5.17
N CYS A 269 -13.66 -21.37 6.06
CA CYS A 269 -12.22 -21.10 6.05
C CYS A 269 -11.37 -22.23 6.58
N LEU A 270 -12.01 -23.24 7.18
CA LEU A 270 -11.29 -24.44 7.60
C LEU A 270 -10.98 -25.31 6.38
N ASP A 271 -11.52 -24.98 5.20
CA ASP A 271 -11.13 -25.70 3.97
C ASP A 271 -9.70 -25.13 3.72
N PRO A 272 -8.65 -25.99 3.64
CA PRO A 272 -7.28 -25.51 3.42
C PRO A 272 -7.07 -24.84 2.09
N ARG A 273 -7.99 -25.01 1.14
CA ARG A 273 -7.86 -24.28 -0.14
C ARG A 273 -8.34 -22.84 0.02
N ILE A 274 -8.95 -22.52 1.17
CA ILE A 274 -9.49 -21.17 1.37
C ILE A 274 -8.70 -20.44 2.44
N GLY A 275 -8.60 -21.04 3.62
CA GLY A 275 -7.76 -20.48 4.67
C GLY A 275 -8.39 -19.47 5.57
N ASN A 276 -7.84 -19.33 6.77
CA ASN A 276 -8.40 -18.45 7.77
C ASN A 276 -7.85 -17.01 7.82
N HIS A 277 -7.42 -16.49 6.69
CA HIS A 277 -6.86 -15.13 6.65
C HIS A 277 -7.72 -14.27 5.77
N TYR A 278 -7.57 -12.94 5.85
CA TYR A 278 -8.31 -12.00 5.03
C TYR A 278 -9.76 -12.39 4.86
N ASN A 279 -10.44 -12.60 5.98
CA ASN A 279 -11.82 -13.08 5.92
C ASN A 279 -12.62 -12.38 7.01
N ASN A 280 -12.15 -11.23 7.48
CA ASN A 280 -12.85 -10.54 8.56
C ASN A 280 -13.78 -9.50 7.98
N PRO A 281 -15.10 -9.67 8.16
CA PRO A 281 -16.04 -8.69 7.59
C PRO A 281 -15.74 -7.29 8.02
N SER A 282 -16.10 -6.34 7.13
CA SER A 282 -15.83 -4.94 7.39
C SER A 282 -16.83 -4.11 6.63
N PHE A 283 -16.68 -2.79 6.72
CA PHE A 283 -17.60 -1.87 6.04
C PHE A 283 -17.22 -1.72 4.56
N GLY A 284 -16.17 -2.42 4.14
CA GLY A 284 -15.73 -2.40 2.74
C GLY A 284 -14.20 -2.42 2.72
N TYR A 285 -13.58 -2.87 1.61
CA TYR A 285 -12.13 -2.83 1.62
C TYR A 285 -11.71 -1.36 1.47
N GLY A 286 -10.65 -1.01 2.18
CA GLY A 286 -10.18 0.35 2.14
C GLY A 286 -8.66 0.40 2.13
N GLY A 287 -8.13 1.45 2.75
CA GLY A 287 -6.69 1.61 2.80
C GLY A 287 -6.23 2.43 1.60
N TYR A 288 -4.89 2.46 1.47
CA TYR A 288 -4.18 3.22 0.47
C TYR A 288 -4.03 2.56 -0.90
N CYS A 289 -4.04 1.24 -0.95
CA CYS A 289 -3.82 0.58 -2.22
C CYS A 289 -4.98 -0.08 -2.89
N LEU A 290 -5.77 -0.83 -2.13
CA LEU A 290 -6.81 -1.59 -2.79
C LEU A 290 -7.88 -0.82 -3.58
N PRO A 291 -8.44 0.27 -3.03
CA PRO A 291 -9.47 0.99 -3.80
C PRO A 291 -8.93 1.51 -5.12
N LYS A 292 -7.70 1.99 -5.10
CA LYS A 292 -7.16 2.52 -6.35
C LYS A 292 -6.69 1.42 -7.28
N ASP A 293 -6.05 0.38 -6.76
CA ASP A 293 -5.55 -0.66 -7.67
C ASP A 293 -6.64 -1.44 -8.37
N THR A 294 -7.75 -1.66 -7.67
CA THR A 294 -8.83 -2.41 -8.29
C THR A 294 -9.37 -1.58 -9.47
N LYS A 295 -9.49 -0.25 -9.26
CA LYS A 295 -9.96 0.61 -10.35
C LYS A 295 -8.95 0.72 -11.49
N GLN A 296 -7.67 0.76 -11.14
CA GLN A 296 -6.62 0.83 -12.15
C GLN A 296 -6.67 -0.43 -13.00
N LEU A 297 -6.83 -1.59 -12.36
CA LEU A 297 -6.90 -2.84 -13.12
C LEU A 297 -8.15 -2.86 -13.99
N LEU A 298 -9.28 -2.40 -13.45
CA LEU A 298 -10.50 -2.40 -14.25
C LEU A 298 -10.31 -1.50 -15.49
N ALA A 299 -9.63 -0.36 -15.34
CA ALA A 299 -9.42 0.49 -16.51
C ALA A 299 -8.59 -0.27 -17.55
N ASN A 300 -7.66 -1.10 -17.08
CA ASN A 300 -6.83 -1.88 -18.01
C ASN A 300 -7.62 -2.95 -18.75
N TYR A 301 -8.81 -3.27 -18.22
CA TYR A 301 -9.70 -4.27 -18.81
C TYR A 301 -10.73 -3.63 -19.72
N GLU A 302 -10.49 -2.38 -20.10
CA GLU A 302 -11.48 -1.72 -20.95
C GLU A 302 -11.83 -2.48 -22.24
N SER A 303 -10.90 -3.21 -22.83
CA SER A 303 -11.28 -3.96 -24.03
C SER A 303 -11.22 -5.50 -23.81
N VAL A 304 -11.29 -5.96 -22.57
CA VAL A 304 -11.20 -7.38 -22.28
C VAL A 304 -12.49 -7.76 -21.58
N PRO A 305 -13.29 -8.66 -22.16
CA PRO A 305 -14.55 -9.07 -21.53
C PRO A 305 -14.32 -9.62 -20.14
N ASN A 306 -15.10 -9.16 -19.17
CA ASN A 306 -14.93 -9.65 -17.81
C ASN A 306 -16.21 -9.36 -17.04
N ASN A 307 -16.38 -10.08 -15.91
CA ASN A 307 -17.44 -9.75 -14.98
C ASN A 307 -16.84 -9.59 -13.57
N ILE A 308 -15.86 -10.40 -13.24
CA ILE A 308 -15.29 -10.34 -11.88
C ILE A 308 -14.51 -9.05 -11.64
N ILE A 309 -13.68 -8.64 -12.59
CA ILE A 309 -12.91 -7.39 -12.31
C ILE A 309 -13.86 -6.19 -12.05
N ALA A 310 -14.86 -6.01 -12.91
CA ALA A 310 -15.80 -4.90 -12.69
C ALA A 310 -16.60 -5.07 -11.39
N ALA A 311 -16.95 -6.32 -11.04
CA ALA A 311 -17.73 -6.56 -9.84
C ALA A 311 -17.01 -6.26 -8.57
N ILE A 312 -15.67 -6.37 -8.57
CA ILE A 312 -14.91 -6.08 -7.38
C ILE A 312 -15.11 -4.61 -6.97
N VAL A 313 -15.08 -3.71 -7.97
CA VAL A 313 -15.30 -2.29 -7.70
C VAL A 313 -16.77 -2.05 -7.29
N ASP A 314 -17.72 -2.59 -8.03
CA ASP A 314 -19.12 -2.35 -7.72
C ASP A 314 -19.51 -2.93 -6.35
N ALA A 315 -18.96 -4.08 -6.02
CA ALA A 315 -19.27 -4.77 -4.77
C ALA A 315 -18.98 -3.88 -3.56
N ASN A 316 -17.91 -3.08 -3.61
CA ASN A 316 -17.61 -2.26 -2.46
C ASN A 316 -18.69 -1.18 -2.24
N ARG A 317 -19.19 -0.62 -3.34
CA ARG A 317 -20.22 0.40 -3.25
C ARG A 317 -21.50 -0.25 -2.71
N THR A 318 -21.81 -1.43 -3.19
CA THR A 318 -23.00 -2.16 -2.72
C THR A 318 -22.93 -2.50 -1.22
N ARG A 319 -21.75 -2.88 -0.78
CA ARG A 319 -21.53 -3.26 0.60
C ARG A 319 -21.70 -2.00 1.46
N LYS A 320 -21.15 -0.89 1.00
CA LYS A 320 -21.30 0.33 1.82
C LYS A 320 -22.77 0.75 1.89
N ASP A 321 -23.52 0.57 0.79
CA ASP A 321 -24.95 0.92 0.78
C ASP A 321 -25.65 0.00 1.79
N PHE A 322 -25.29 -1.30 1.79
CA PHE A 322 -25.95 -2.24 2.69
C PHE A 322 -25.70 -1.86 4.17
N ILE A 323 -24.44 -1.53 4.49
CA ILE A 323 -24.06 -1.19 5.82
C ILE A 323 -24.78 0.12 6.23
N ALA A 324 -24.76 1.13 5.37
CA ALA A 324 -25.44 2.39 5.67
C ALA A 324 -26.92 2.14 5.90
N ASP A 325 -27.54 1.33 5.04
CA ASP A 325 -28.97 1.06 5.19
C ASP A 325 -29.28 0.34 6.49
N SER A 326 -28.39 -0.55 6.93
CA SER A 326 -28.58 -1.24 8.18
C SER A 326 -28.57 -0.23 9.35
N ILE A 327 -27.61 0.68 9.29
CA ILE A 327 -27.51 1.69 10.34
C ILE A 327 -28.76 2.59 10.34
N LEU A 328 -29.15 3.06 9.17
CA LEU A 328 -30.30 3.97 9.05
C LEU A 328 -31.61 3.29 9.49
N ALA A 329 -31.70 1.97 9.35
CA ALA A 329 -32.89 1.25 9.76
C ALA A 329 -33.08 1.33 11.29
N ARG A 330 -32.03 1.65 12.03
CA ARG A 330 -32.12 1.78 13.49
C ARG A 330 -32.68 3.15 13.89
N LYS A 331 -32.98 3.98 12.90
CA LYS A 331 -33.52 5.32 13.14
C LYS A 331 -32.74 6.15 14.18
N PRO A 332 -31.41 6.25 14.00
CA PRO A 332 -30.63 7.01 14.96
C PRO A 332 -30.85 8.50 14.72
N LYS A 333 -30.74 9.33 15.77
CA LYS A 333 -30.88 10.77 15.59
C LYS A 333 -29.48 11.31 15.38
N VAL A 334 -28.48 10.61 15.92
CA VAL A 334 -27.07 11.03 15.77
C VAL A 334 -26.27 9.74 15.60
N VAL A 335 -25.39 9.70 14.62
CA VAL A 335 -24.54 8.48 14.46
C VAL A 335 -23.14 8.89 14.83
N GLY A 336 -22.48 8.06 15.64
CA GLY A 336 -21.12 8.36 16.04
C GLY A 336 -20.17 7.47 15.22
N VAL A 337 -19.16 8.09 14.66
CA VAL A 337 -18.16 7.37 13.89
C VAL A 337 -16.92 7.29 14.76
N TYR A 338 -16.60 6.08 15.19
CA TYR A 338 -15.43 5.89 16.01
C TYR A 338 -14.19 5.56 15.13
N ARG A 339 -13.30 6.55 15.02
CA ARG A 339 -12.05 6.51 14.25
C ARG A 339 -12.19 6.63 12.74
N LEU A 340 -11.30 7.42 12.15
CA LEU A 340 -11.24 7.55 10.71
C LEU A 340 -9.91 6.89 10.32
N SER A 352 -10.65 3.51 6.62
CA SER A 352 -11.20 4.51 5.66
C SER A 352 -12.48 4.10 4.90
N SER A 353 -12.88 2.82 4.86
CA SER A 353 -14.14 2.56 4.17
C SER A 353 -15.27 3.16 5.04
N ILE A 354 -14.97 3.41 6.32
CA ILE A 354 -16.00 4.02 7.19
C ILE A 354 -16.38 5.42 6.64
N GLN A 355 -15.50 6.06 5.86
CA GLN A 355 -15.88 7.38 5.31
C GLN A 355 -17.04 7.29 4.34
N GLY A 356 -17.05 6.21 3.58
CA GLY A 356 -18.12 5.97 2.64
C GLY A 356 -19.43 5.77 3.39
N ILE A 357 -19.36 5.16 4.59
CA ILE A 357 -20.58 4.93 5.38
C ILE A 357 -21.07 6.30 5.87
N MET A 358 -20.12 7.09 6.34
CA MET A 358 -20.44 8.44 6.79
C MET A 358 -21.13 9.24 5.70
N LYS A 359 -20.56 9.26 4.49
CA LYS A 359 -21.18 9.99 3.40
C LYS A 359 -22.64 9.61 3.17
N ARG A 360 -22.89 8.31 3.12
CA ARG A 360 -24.22 7.80 2.93
C ARG A 360 -25.22 8.15 4.04
N ILE A 361 -24.77 8.18 5.30
CA ILE A 361 -25.64 8.53 6.41
C ILE A 361 -25.97 10.03 6.28
N LYS A 362 -24.96 10.84 6.01
CA LYS A 362 -25.20 12.27 5.87
C LYS A 362 -26.10 12.59 4.69
N ALA A 363 -26.01 11.80 3.62
CA ALA A 363 -26.86 11.99 2.45
C ALA A 363 -28.36 11.84 2.84
N LYS A 364 -28.64 11.15 3.93
CA LYS A 364 -30.03 10.99 4.38
C LYS A 364 -30.42 12.02 5.44
N GLY A 365 -29.55 12.99 5.67
CA GLY A 365 -29.87 14.05 6.62
C GLY A 365 -29.71 13.77 8.11
N ILE A 366 -29.04 12.65 8.43
CA ILE A 366 -28.77 12.28 9.82
C ILE A 366 -27.37 12.82 10.17
N PRO A 367 -27.24 13.53 11.29
CA PRO A 367 -25.97 14.11 11.76
C PRO A 367 -24.98 13.00 12.13
N VAL A 368 -23.70 13.26 11.94
CA VAL A 368 -22.66 12.33 12.31
C VAL A 368 -21.66 13.06 13.17
N ILE A 369 -21.21 12.43 14.25
CA ILE A 369 -20.16 13.02 15.06
C ILE A 369 -18.99 12.04 14.97
N ILE A 370 -17.76 12.57 15.07
CA ILE A 370 -16.57 11.75 14.90
C ILE A 370 -15.66 11.77 16.10
N TYR A 371 -15.21 10.57 16.50
CA TYR A 371 -14.22 10.46 17.57
C TYR A 371 -12.92 10.07 16.85
N GLU A 372 -11.92 10.96 16.85
CA GLU A 372 -10.66 10.65 16.18
C GLU A 372 -9.53 11.48 16.84
N PRO A 373 -8.96 10.98 17.95
CA PRO A 373 -7.88 11.65 18.70
C PRO A 373 -6.75 12.22 17.88
N VAL A 374 -6.42 11.52 16.80
CA VAL A 374 -5.33 11.93 15.93
C VAL A 374 -5.66 13.19 15.16
N MET A 375 -6.94 13.45 14.96
CA MET A 375 -7.33 14.64 14.21
C MET A 375 -7.42 15.80 15.18
N GLN A 376 -6.88 16.95 14.76
CA GLN A 376 -6.90 18.12 15.61
C GLN A 376 -7.99 19.13 15.23
N GLU A 377 -8.46 19.07 13.99
CA GLU A 377 -9.54 19.96 13.54
C GLU A 377 -10.81 19.67 14.36
N ASP A 378 -11.76 20.61 14.36
CA ASP A 378 -12.99 20.34 15.08
C ASP A 378 -14.12 19.93 14.12
N GLU A 379 -13.80 19.84 12.82
CA GLU A 379 -14.74 19.43 11.78
C GLU A 379 -14.05 18.62 10.69
N PHE A 380 -14.74 17.60 10.17
CA PHE A 380 -14.22 16.76 9.08
C PHE A 380 -15.41 16.61 8.16
N PHE A 381 -15.25 17.05 6.92
CA PHE A 381 -16.34 17.02 5.96
C PHE A 381 -17.68 17.52 6.51
N ASN A 382 -17.60 18.64 7.23
CA ASN A 382 -18.80 19.26 7.77
C ASN A 382 -19.45 18.57 8.95
N SER A 383 -18.76 17.64 9.60
CA SER A 383 -19.28 16.94 10.77
C SER A 383 -18.39 17.24 11.94
N ARG A 384 -18.98 17.40 13.12
CA ARG A 384 -18.23 17.68 14.35
C ARG A 384 -17.27 16.56 14.75
N VAL A 385 -16.06 16.97 15.15
CA VAL A 385 -15.09 16.02 15.68
C VAL A 385 -15.20 16.25 17.19
N VAL A 386 -15.57 15.24 17.96
CA VAL A 386 -15.74 15.39 19.40
C VAL A 386 -14.47 14.87 20.06
N ARG A 387 -13.79 15.74 20.80
CA ARG A 387 -12.53 15.34 21.44
C ARG A 387 -12.72 14.42 22.65
N ASP A 388 -13.79 14.63 23.39
CA ASP A 388 -14.07 13.84 24.58
C ASP A 388 -14.82 12.56 24.28
N LEU A 389 -14.16 11.42 24.52
CA LEU A 389 -14.77 10.12 24.25
C LEU A 389 -16.09 9.91 25.00
N ASN A 390 -16.17 10.35 26.24
CA ASN A 390 -17.40 10.18 26.98
C ASN A 390 -18.57 10.97 26.43
N ALA A 391 -18.31 12.18 25.95
CA ALA A 391 -19.40 12.98 25.40
C ALA A 391 -19.87 12.33 24.08
N PHE A 392 -18.90 11.85 23.31
CA PHE A 392 -19.17 11.18 22.04
C PHE A 392 -20.08 9.98 22.35
N LYS A 393 -19.70 9.18 23.34
CA LYS A 393 -20.52 8.01 23.67
C LYS A 393 -21.93 8.36 24.10
N GLN A 394 -22.08 9.44 24.85
CA GLN A 394 -23.43 9.76 25.32
C GLN A 394 -24.37 10.24 24.22
N GLU A 395 -23.81 11.07 23.36
CA GLU A 395 -24.61 11.64 22.31
C GLU A 395 -24.99 10.71 21.18
N ALA A 396 -24.05 9.85 20.78
CA ALA A 396 -24.34 8.95 19.67
C ALA A 396 -25.39 7.90 20.02
N ASP A 397 -26.43 7.76 19.21
CA ASP A 397 -27.46 6.75 19.37
C ASP A 397 -26.94 5.41 18.88
N VAL A 398 -26.07 5.43 17.87
CA VAL A 398 -25.45 4.19 17.37
C VAL A 398 -24.03 4.64 17.11
N ILE A 399 -23.08 3.82 17.52
CA ILE A 399 -21.66 4.09 17.30
C ILE A 399 -21.20 3.05 16.29
N ILE A 400 -20.70 3.49 15.15
CA ILE A 400 -20.20 2.53 14.14
C ILE A 400 -18.70 2.53 14.21
N SER A 401 -18.12 1.33 14.02
CA SER A 401 -16.67 1.23 14.07
C SER A 401 -16.29 0.04 13.18
N ASN A 402 -15.27 0.21 12.35
CA ASN A 402 -14.90 -0.88 11.46
C ASN A 402 -14.45 -2.08 12.24
N ARG A 403 -13.74 -1.85 13.34
CA ARG A 403 -13.27 -2.94 14.14
C ARG A 403 -13.65 -2.61 15.57
N MET A 404 -13.86 -3.65 16.38
CA MET A 404 -14.22 -3.44 17.75
C MET A 404 -13.00 -2.93 18.50
N ALA A 405 -13.24 -2.20 19.60
CA ALA A 405 -12.14 -1.64 20.37
C ALA A 405 -12.46 -1.76 21.84
N GLU A 406 -11.43 -2.00 22.65
CA GLU A 406 -11.64 -2.15 24.09
C GLU A 406 -12.46 -0.99 24.68
N GLU A 407 -12.07 0.22 24.36
CA GLU A 407 -12.74 1.39 24.90
C GLU A 407 -14.18 1.60 24.47
N LEU A 408 -14.74 0.70 23.66
CA LEU A 408 -16.16 0.81 23.27
C LEU A 408 -16.95 -0.26 24.03
N ALA A 409 -16.23 -1.08 24.81
CA ALA A 409 -16.86 -2.16 25.58
C ALA A 409 -18.07 -1.75 26.43
N ASP A 410 -17.97 -0.62 27.14
CA ASP A 410 -19.07 -0.20 28.01
C ASP A 410 -20.30 0.36 27.30
N VAL A 411 -20.21 0.50 25.98
CA VAL A 411 -21.35 0.95 25.17
C VAL A 411 -21.57 -0.05 24.05
N ALA A 412 -21.06 -1.27 24.26
CA ALA A 412 -21.17 -2.32 23.27
C ALA A 412 -22.56 -2.48 22.74
N ASP A 413 -23.57 -2.29 23.58
CA ASP A 413 -24.96 -2.43 23.15
C ASP A 413 -25.39 -1.50 22.02
N LYS A 414 -24.72 -0.37 21.83
CA LYS A 414 -25.16 0.46 20.73
C LYS A 414 -24.05 0.61 19.69
N VAL A 415 -23.10 -0.33 19.72
CA VAL A 415 -22.02 -0.30 18.73
C VAL A 415 -22.45 -1.20 17.58
N TYR A 416 -22.25 -0.74 16.34
CA TYR A 416 -22.52 -1.59 15.18
C TYR A 416 -21.17 -1.77 14.50
N THR A 417 -20.69 -3.01 14.50
CA THR A 417 -19.45 -3.33 13.80
C THR A 417 -19.66 -4.74 13.27
N ARG A 418 -19.04 -5.04 12.13
CA ARG A 418 -19.15 -6.38 11.59
C ARG A 418 -17.85 -7.16 11.85
N ASP A 419 -16.91 -6.53 12.54
CA ASP A 419 -15.64 -7.16 12.93
C ASP A 419 -15.87 -8.47 13.67
N LEU A 420 -15.18 -9.54 13.26
CA LEU A 420 -15.32 -10.82 13.95
C LEU A 420 -14.05 -11.29 14.59
N PHE A 421 -12.93 -11.08 13.87
CA PHE A 421 -11.63 -11.63 14.28
C PHE A 421 -10.59 -10.66 14.84
N GLY A 422 -10.84 -9.35 14.77
CA GLY A 422 -9.90 -8.41 15.33
C GLY A 422 -9.92 -8.66 16.85
#